data_7G99
#
_entry.id   7G99
#
_cell.length_a   70.926
_cell.length_b   70.926
_cell.length_c   195.874
_cell.angle_alpha   90.000
_cell.angle_beta   90.000
_cell.angle_gamma   90.000
#
_symmetry.space_group_name_H-M   'P 43 21 2'
#
loop_
_entity.id
_entity.type
_entity.pdbx_description
1 polymer 'Transforming protein RhoA'
2 polymer 'Rho guanine nucleotide exchange factor 2'
3 non-polymer 1-[(3R,5R)-5-(furan-2-yl)-3-(5-methylfuran-2-yl)pyrazolidin-1-yl]ethan-1-one
4 non-polymer 'DIMETHYL SULFOXIDE'
5 non-polymer 'FORMIC ACID'
6 water water
#
loop_
_entity_poly.entity_id
_entity_poly.type
_entity_poly.pdbx_seq_one_letter_code
_entity_poly.pdbx_strand_id
1 'polypeptide(L)'
;SMAAIRKKLVIVGDGACGKTCLLIVFSKDQFPEVYVPTVFENYVADIEVDGKQVELALWDTAGQEDYDRLRPLSYPDTDV
ILMCFSIDSPDSLENIPEKWTPEVKHFCPNVPIILVGNKKDLRNDEHTRRELAKMKQEPVKPEEGRDMANRIGAFGYMEC
SAKTKDGVREVFEMATRAALQARRG
;
A
2 'polypeptide(L)'
;SMEMDEKDFAADSWSLAVDSSFLQQHKKEVMKQQDVIYELIQTELHHVRTLKIMTRLFRTGMLEELHLEPGVVQGLFPCV
DELSDIHTRFLSQLLERRRQALCPGSTRNFVIHRLGDLLISQFSGPSAEQMCKTYSEFCSRHSKALKLYKELYARDKRFQ
QFIRKVTRPAVLKRHGVQECILLVTQRITKYPLLISRILQHSHGIEEERQDLTTALGLVKELLSNVDEGIYQLEKGARLQ
EIYNR
;
B
#
# COMPACT_ATOMS: atom_id res chain seq x y z
N ALA A 4 13.01 -20.26 -6.07
CA ALA A 4 13.73 -19.02 -5.75
C ALA A 4 13.64 -18.69 -4.25
N ILE A 5 14.60 -17.91 -3.75
CA ILE A 5 14.58 -17.48 -2.36
C ILE A 5 13.68 -16.24 -2.26
N ARG A 6 12.98 -16.06 -1.13
CA ARG A 6 12.10 -14.92 -0.96
C ARG A 6 12.79 -13.82 -0.14
N LYS A 7 12.82 -12.60 -0.67
CA LYS A 7 13.39 -11.42 -0.01
C LYS A 7 12.35 -10.29 0.02
N LYS A 8 12.41 -9.43 1.03
CA LYS A 8 11.45 -8.33 1.19
C LYS A 8 12.17 -6.98 1.08
N LEU A 9 11.61 -6.07 0.27
CA LEU A 9 12.14 -4.73 0.10
C LEU A 9 11.10 -3.70 0.56
N VAL A 10 11.51 -2.70 1.35
CA VAL A 10 10.63 -1.59 1.73
C VAL A 10 11.29 -0.26 1.33
N ILE A 11 10.51 0.65 0.72
CA ILE A 11 11.02 1.96 0.36
CA ILE A 11 11.01 1.97 0.35
C ILE A 11 10.49 3.00 1.33
N VAL A 12 11.40 3.82 1.83
CA VAL A 12 11.08 4.85 2.81
CA VAL A 12 11.12 4.83 2.82
C VAL A 12 11.56 6.21 2.27
N GLY A 13 11.04 7.30 2.85
CA GLY A 13 11.39 8.65 2.42
C GLY A 13 10.21 9.58 2.51
N ASP A 14 10.45 10.90 2.42
CA ASP A 14 9.38 11.90 2.52
C ASP A 14 8.32 11.74 1.41
N GLY A 15 7.14 12.32 1.62
CA GLY A 15 6.06 12.30 0.65
C GLY A 15 6.44 12.76 -0.75
N ALA A 16 7.30 13.79 -0.87
CA ALA A 16 7.69 14.29 -2.20
C ALA A 16 8.90 13.57 -2.84
N CYS A 17 9.31 12.40 -2.34
CA CYS A 17 10.53 11.76 -2.82
C CYS A 17 10.38 10.92 -4.09
N GLY A 18 9.15 10.65 -4.53
CA GLY A 18 8.92 9.87 -5.74
C GLY A 18 9.01 8.36 -5.59
N LYS A 19 8.93 7.84 -4.34
CA LYS A 19 8.99 6.39 -4.09
CA LYS A 19 8.98 6.39 -4.08
C LYS A 19 7.88 5.57 -4.76
N THR A 20 6.64 6.09 -4.78
CA THR A 20 5.53 5.36 -5.39
C THR A 20 5.76 5.25 -6.89
N CYS A 21 6.18 6.35 -7.53
CA CYS A 21 6.47 6.34 -8.95
C CYS A 21 7.57 5.33 -9.32
N LEU A 22 8.63 5.26 -8.51
CA LEU A 22 9.74 4.32 -8.72
C LEU A 22 9.24 2.86 -8.68
N LEU A 23 8.45 2.48 -7.66
CA LEU A 23 7.89 1.12 -7.54
C LEU A 23 6.96 0.76 -8.71
N ILE A 24 6.18 1.73 -9.20
CA ILE A 24 5.23 1.51 -10.30
C ILE A 24 5.98 1.26 -11.61
N VAL A 25 6.96 2.12 -11.93
CA VAL A 25 7.72 2.03 -13.19
C VAL A 25 8.52 0.72 -13.26
N PHE A 26 9.08 0.27 -12.12
CA PHE A 26 9.84 -0.98 -12.11
C PHE A 26 8.91 -2.19 -12.30
N SER A 27 7.80 -2.21 -11.58
CA SER A 27 6.90 -3.34 -11.59
C SER A 27 5.99 -3.49 -12.79
N LYS A 28 5.55 -2.38 -13.41
CA LYS A 28 4.51 -2.44 -14.46
C LYS A 28 4.78 -3.31 -15.71
N ASP A 29 5.88 -3.12 -16.46
CA ASP A 29 6.14 -3.87 -17.72
C ASP A 29 6.03 -2.86 -18.87
N GLN A 30 4.83 -2.31 -19.06
CA GLN A 30 4.63 -1.27 -20.05
C GLN A 30 4.63 0.05 -19.26
N PHE A 31 5.35 1.06 -19.77
CA PHE A 31 5.41 2.35 -19.12
C PHE A 31 4.01 3.00 -18.96
N PRO A 32 3.68 3.62 -17.81
CA PRO A 32 2.34 4.22 -17.67
C PRO A 32 2.19 5.54 -18.44
N GLU A 33 1.97 5.45 -19.74
CA GLU A 33 1.82 6.63 -20.58
C GLU A 33 0.42 7.24 -20.55
N VAL A 34 -0.59 6.50 -20.08
CA VAL A 34 -1.96 6.98 -20.07
C VAL A 34 -2.33 7.52 -18.68
N TYR A 35 -2.03 6.76 -17.64
CA TYR A 35 -2.38 7.17 -16.28
C TYR A 35 -1.33 6.71 -15.28
N VAL A 36 -0.83 7.63 -14.42
CA VAL A 36 0.13 7.22 -13.41
C VAL A 36 -0.68 6.95 -12.14
N PRO A 37 -0.70 5.70 -11.65
CA PRO A 37 -1.47 5.41 -10.42
C PRO A 37 -1.06 6.26 -9.22
N THR A 38 -2.05 6.61 -8.40
CA THR A 38 -1.87 7.37 -7.16
C THR A 38 -1.20 6.47 -6.10
N VAL A 39 -1.56 5.17 -6.09
CA VAL A 39 -1.05 4.28 -5.04
C VAL A 39 -0.45 2.98 -5.61
N PHE A 40 0.36 2.31 -4.77
CA PHE A 40 1.01 1.05 -5.05
C PHE A 40 0.56 0.09 -3.92
N GLU A 41 0.02 -1.06 -4.29
CA GLU A 41 -0.45 -2.05 -3.32
C GLU A 41 0.76 -2.89 -2.84
N ASN A 42 1.20 -3.84 -3.65
CA ASN A 42 2.44 -4.61 -3.45
C ASN A 42 2.77 -5.27 -4.82
N TYR A 43 3.90 -5.95 -4.87
CA TYR A 43 4.33 -6.64 -6.06
C TYR A 43 5.41 -7.64 -5.67
N VAL A 44 5.46 -8.80 -6.34
CA VAL A 44 6.54 -9.77 -6.11
C VAL A 44 7.32 -9.87 -7.42
N ALA A 45 8.50 -9.24 -7.50
CA ALA A 45 9.32 -9.22 -8.71
C ALA A 45 10.16 -10.50 -8.86
N ASP A 46 10.25 -11.05 -10.08
CA ASP A 46 11.11 -12.22 -10.35
C ASP A 46 12.40 -11.60 -10.88
N ILE A 47 13.49 -11.73 -10.13
CA ILE A 47 14.76 -11.10 -10.51
CA ILE A 47 14.74 -11.12 -10.56
C ILE A 47 15.89 -12.12 -10.54
N GLU A 48 16.73 -12.08 -11.57
CA GLU A 48 17.90 -12.93 -11.64
CA GLU A 48 17.91 -12.92 -11.62
C GLU A 48 19.11 -12.00 -11.57
N VAL A 49 19.89 -12.07 -10.49
CA VAL A 49 21.04 -11.20 -10.36
C VAL A 49 22.30 -12.01 -10.06
N ASP A 50 23.33 -11.85 -10.91
CA ASP A 50 24.59 -12.57 -10.79
C ASP A 50 24.39 -14.09 -10.70
N GLY A 51 23.46 -14.61 -11.51
CA GLY A 51 23.16 -16.04 -11.53
C GLY A 51 22.20 -16.55 -10.46
N LYS A 52 21.73 -15.70 -9.54
CA LYS A 52 20.83 -16.14 -8.47
C LYS A 52 19.40 -15.68 -8.71
N GLN A 53 18.41 -16.59 -8.58
CA GLN A 53 16.99 -16.24 -8.77
CA GLN A 53 17.00 -16.27 -8.77
C GLN A 53 16.34 -15.89 -7.45
N VAL A 54 15.72 -14.70 -7.39
CA VAL A 54 15.09 -14.20 -6.18
C VAL A 54 13.66 -13.72 -6.44
N GLU A 55 12.74 -14.00 -5.49
CA GLU A 55 11.41 -13.41 -5.51
C GLU A 55 11.55 -12.19 -4.59
N LEU A 56 11.50 -10.96 -5.15
CA LEU A 56 11.65 -9.76 -4.33
C LEU A 56 10.27 -9.08 -4.07
N ALA A 57 9.78 -9.15 -2.83
CA ALA A 57 8.48 -8.53 -2.52
C ALA A 57 8.71 -7.04 -2.31
N LEU A 58 7.94 -6.19 -2.97
CA LEU A 58 8.09 -4.74 -2.93
C LEU A 58 6.97 -4.08 -2.13
N TRP A 59 7.35 -3.16 -1.23
CA TRP A 59 6.39 -2.45 -0.40
C TRP A 59 6.73 -0.96 -0.35
N ASP A 60 5.69 -0.14 -0.22
CA ASP A 60 5.77 1.31 -0.14
C ASP A 60 5.25 1.73 1.26
N THR A 61 5.79 2.81 1.78
CA THR A 61 5.33 3.41 3.04
C THR A 61 4.55 4.73 2.79
N ALA A 62 4.29 5.09 1.53
CA ALA A 62 3.52 6.31 1.19
C ALA A 62 2.15 6.30 1.87
N GLY A 63 1.80 7.41 2.47
CA GLY A 63 0.56 7.52 3.22
C GLY A 63 0.77 7.34 4.71
N GLN A 64 1.90 6.69 5.11
CA GLN A 64 2.20 6.40 6.51
C GLN A 64 3.12 7.42 7.20
N GLU A 65 3.61 8.43 6.45
CA GLU A 65 4.55 9.45 6.94
C GLU A 65 4.12 10.19 8.24
N ASP A 66 2.80 10.43 8.44
CA ASP A 66 2.35 11.14 9.66
C ASP A 66 1.82 10.20 10.76
N TYR A 67 1.87 8.86 10.56
CA TYR A 67 1.30 7.92 11.53
C TYR A 67 2.41 7.02 12.12
N ASP A 68 3.04 7.50 13.20
CA ASP A 68 4.21 6.85 13.81
C ASP A 68 3.98 5.47 14.42
N ARG A 69 2.74 5.09 14.64
CA ARG A 69 2.43 3.77 15.20
C ARG A 69 1.96 2.80 14.10
N LEU A 70 1.42 3.30 12.98
CA LEU A 70 1.01 2.44 11.87
C LEU A 70 2.26 2.13 11.02
N ARG A 71 3.07 3.15 10.73
CA ARG A 71 4.25 3.05 9.89
C ARG A 71 5.20 1.88 10.24
N PRO A 72 5.61 1.64 11.50
CA PRO A 72 6.55 0.53 11.75
C PRO A 72 6.02 -0.87 11.41
N LEU A 73 4.70 -1.01 11.26
CA LEU A 73 4.09 -2.30 10.87
C LEU A 73 4.53 -2.73 9.46
N SER A 74 5.06 -1.80 8.66
CA SER A 74 5.57 -2.12 7.34
C SER A 74 6.98 -2.78 7.43
N TYR A 75 7.70 -2.65 8.57
CA TYR A 75 9.10 -3.10 8.70
C TYR A 75 9.38 -4.60 8.98
N PRO A 76 8.52 -5.41 9.66
CA PRO A 76 8.91 -6.79 9.98
C PRO A 76 9.51 -7.61 8.83
N ASP A 77 10.65 -8.26 9.12
CA ASP A 77 11.39 -9.14 8.22
C ASP A 77 11.85 -8.50 6.91
N THR A 78 12.10 -7.18 6.92
CA THR A 78 12.63 -6.51 5.74
C THR A 78 14.09 -7.00 5.52
N ASP A 79 14.48 -7.28 4.26
CA ASP A 79 15.83 -7.74 3.90
C ASP A 79 16.69 -6.58 3.31
N VAL A 80 16.03 -5.59 2.69
CA VAL A 80 16.72 -4.42 2.14
C VAL A 80 15.83 -3.18 2.22
N ILE A 81 16.41 -2.05 2.62
CA ILE A 81 15.68 -0.80 2.67
C ILE A 81 16.18 0.13 1.54
N LEU A 82 15.26 0.74 0.76
CA LEU A 82 15.65 1.78 -0.17
C LEU A 82 15.25 3.07 0.57
N MET A 83 16.22 3.93 0.81
CA MET A 83 15.97 5.21 1.49
CA MET A 83 16.04 5.21 1.51
C MET A 83 16.00 6.27 0.42
N CYS A 84 14.84 6.84 0.16
CA CYS A 84 14.65 7.74 -0.94
CA CYS A 84 14.65 7.75 -0.96
C CYS A 84 14.57 9.23 -0.58
N PHE A 85 15.11 10.05 -1.49
CA PHE A 85 15.05 11.49 -1.46
C PHE A 85 14.92 11.95 -2.91
N SER A 86 14.45 13.15 -3.08
CA SER A 86 14.28 13.74 -4.39
C SER A 86 15.40 14.73 -4.69
N ILE A 87 16.04 14.62 -5.87
CA ILE A 87 17.11 15.53 -6.27
C ILE A 87 16.60 16.99 -6.50
N ASP A 88 15.30 17.18 -6.81
CA ASP A 88 14.74 18.54 -6.90
C ASP A 88 14.29 19.10 -5.52
N SER A 89 14.56 18.38 -4.44
CA SER A 89 14.16 18.78 -3.10
C SER A 89 15.29 18.60 -2.07
N PRO A 90 16.24 19.55 -1.97
CA PRO A 90 17.27 19.45 -0.93
C PRO A 90 16.74 19.26 0.49
N ASP A 91 15.50 19.72 0.79
CA ASP A 91 14.83 19.53 2.08
C ASP A 91 14.56 18.03 2.36
N SER A 92 14.19 17.25 1.33
CA SER A 92 13.99 15.81 1.50
C SER A 92 15.33 15.11 1.87
N LEU A 93 16.48 15.64 1.40
CA LEU A 93 17.78 15.07 1.72
C LEU A 93 18.13 15.37 3.20
N GLU A 94 17.85 16.59 3.65
CA GLU A 94 18.11 17.02 5.02
C GLU A 94 17.30 16.18 6.07
N ASN A 95 16.12 15.65 5.71
CA ASN A 95 15.34 14.81 6.64
C ASN A 95 15.87 13.36 6.75
N ILE A 96 16.85 12.97 5.93
CA ILE A 96 17.39 11.62 5.95
C ILE A 96 18.14 11.27 7.24
N PRO A 97 19.18 12.03 7.66
CA PRO A 97 20.00 11.58 8.80
C PRO A 97 19.35 11.57 10.18
N GLU A 98 18.43 12.50 10.49
CA GLU A 98 17.89 12.55 11.85
C GLU A 98 16.42 12.14 11.99
N LYS A 99 15.73 11.82 10.88
CA LYS A 99 14.37 11.33 10.97
C LYS A 99 14.28 9.88 10.45
N TRP A 100 14.57 9.66 9.18
CA TRP A 100 14.45 8.33 8.59
C TRP A 100 15.51 7.34 9.04
N THR A 101 16.78 7.74 9.04
CA THR A 101 17.86 6.84 9.44
C THR A 101 17.68 6.28 10.88
N PRO A 102 17.42 7.09 11.94
CA PRO A 102 17.26 6.49 13.29
C PRO A 102 16.08 5.52 13.41
N GLU A 103 14.97 5.80 12.71
CA GLU A 103 13.81 4.92 12.74
C GLU A 103 14.16 3.57 12.09
N VAL A 104 14.75 3.59 10.89
CA VAL A 104 15.10 2.37 10.15
C VAL A 104 16.15 1.55 10.92
N LYS A 105 17.13 2.21 11.56
CA LYS A 105 18.14 1.49 12.33
C LYS A 105 17.55 0.85 13.60
N HIS A 106 16.49 1.46 14.15
CA HIS A 106 15.80 0.95 15.34
C HIS A 106 14.96 -0.30 14.99
N PHE A 107 14.09 -0.20 13.97
CA PHE A 107 13.20 -1.31 13.61
C PHE A 107 13.83 -2.38 12.71
N CYS A 108 14.90 -2.02 11.96
CA CYS A 108 15.55 -2.94 11.03
C CYS A 108 17.08 -2.97 11.30
N PRO A 109 17.51 -3.39 12.50
CA PRO A 109 18.95 -3.43 12.77
C PRO A 109 19.66 -4.40 11.82
N ASN A 110 20.83 -4.00 11.37
CA ASN A 110 21.68 -4.80 10.48
C ASN A 110 21.09 -5.00 9.06
N VAL A 111 20.00 -4.31 8.72
CA VAL A 111 19.43 -4.41 7.37
C VAL A 111 20.12 -3.38 6.47
N PRO A 112 20.63 -3.81 5.30
CA PRO A 112 21.30 -2.84 4.42
C PRO A 112 20.35 -1.77 3.90
N ILE A 113 20.85 -0.53 3.85
CA ILE A 113 20.14 0.62 3.36
C ILE A 113 20.84 1.12 2.09
N ILE A 114 20.11 1.28 1.01
CA ILE A 114 20.62 1.91 -0.20
C ILE A 114 20.02 3.30 -0.28
N LEU A 115 20.86 4.36 -0.26
CA LEU A 115 20.33 5.72 -0.38
C LEU A 115 20.15 5.98 -1.88
N VAL A 116 18.93 6.37 -2.29
CA VAL A 116 18.60 6.58 -3.70
C VAL A 116 18.14 8.00 -3.97
N GLY A 117 18.80 8.67 -4.93
CA GLY A 117 18.42 10.01 -5.36
C GLY A 117 17.50 9.88 -6.56
N ASN A 118 16.19 10.13 -6.34
CA ASN A 118 15.16 10.05 -7.37
C ASN A 118 15.09 11.35 -8.20
N LYS A 119 14.38 11.29 -9.35
CA LYS A 119 14.14 12.43 -10.23
C LYS A 119 15.43 13.12 -10.69
N LYS A 120 16.44 12.32 -11.07
CA LYS A 120 17.75 12.87 -11.48
C LYS A 120 17.69 13.71 -12.76
N ASP A 121 16.63 13.52 -13.58
CA ASP A 121 16.36 14.29 -14.79
C ASP A 121 16.13 15.79 -14.45
N LEU A 122 15.66 16.10 -13.24
CA LEU A 122 15.39 17.49 -12.84
C LEU A 122 16.65 18.32 -12.47
N ARG A 123 17.83 17.68 -12.46
CA ARG A 123 19.09 18.37 -12.17
C ARG A 123 19.43 19.40 -13.27
N ASN A 124 18.96 19.16 -14.51
CA ASN A 124 19.17 20.08 -15.61
C ASN A 124 17.84 20.58 -16.20
N ASP A 125 16.82 20.73 -15.35
CA ASP A 125 15.52 21.24 -15.73
C ASP A 125 15.51 22.74 -15.40
N GLU A 126 15.05 23.59 -16.34
CA GLU A 126 15.04 25.02 -16.13
C GLU A 126 14.04 25.47 -15.08
N HIS A 127 12.81 24.97 -15.14
CA HIS A 127 11.79 25.31 -14.16
C HIS A 127 12.21 24.90 -12.75
N THR A 128 12.82 23.71 -12.60
CA THR A 128 13.30 23.23 -11.32
C THR A 128 14.37 24.18 -10.78
N ARG A 129 15.41 24.48 -11.58
CA ARG A 129 16.48 25.38 -11.17
C ARG A 129 15.99 26.80 -10.83
N ARG A 130 15.00 27.33 -11.57
CA ARG A 130 14.46 28.66 -11.29
C ARG A 130 13.68 28.68 -9.98
N GLU A 131 12.80 27.69 -9.76
CA GLU A 131 12.00 27.61 -8.53
C GLU A 131 12.88 27.46 -7.29
N LEU A 132 13.96 26.66 -7.38
CA LEU A 132 14.85 26.45 -6.25
C LEU A 132 15.69 27.70 -5.98
N ALA A 133 16.10 28.42 -7.03
CA ALA A 133 16.89 29.64 -6.87
C ALA A 133 16.16 30.72 -6.06
N LYS A 134 14.82 30.72 -6.07
CA LYS A 134 14.04 31.68 -5.31
C LYS A 134 14.20 31.44 -3.79
N MET A 135 14.39 30.17 -3.38
CA MET A 135 14.60 29.85 -1.97
C MET A 135 16.07 29.66 -1.61
N LYS A 136 16.99 30.28 -2.39
CA LYS A 136 18.45 30.20 -2.24
C LYS A 136 19.00 28.78 -2.41
N GLN A 137 18.26 27.90 -3.12
CA GLN A 137 18.68 26.52 -3.29
C GLN A 137 19.01 26.10 -4.75
N GLU A 138 19.59 24.92 -4.89
CA GLU A 138 19.94 24.32 -6.18
C GLU A 138 19.68 22.80 -6.09
N PRO A 139 19.47 22.10 -7.24
CA PRO A 139 19.26 20.64 -7.18
C PRO A 139 20.39 19.93 -6.43
N VAL A 140 20.08 18.82 -5.75
CA VAL A 140 21.09 18.07 -4.98
C VAL A 140 22.23 17.61 -5.89
N LYS A 141 23.48 17.94 -5.53
CA LYS A 141 24.67 17.54 -6.30
C LYS A 141 25.04 16.07 -6.01
N PRO A 142 25.59 15.35 -6.99
CA PRO A 142 25.96 13.93 -6.74
C PRO A 142 26.83 13.72 -5.49
N GLU A 143 27.77 14.64 -5.22
CA GLU A 143 28.66 14.53 -4.06
C GLU A 143 27.93 14.76 -2.75
N GLU A 144 26.84 15.55 -2.74
CA GLU A 144 26.02 15.70 -1.54
C GLU A 144 25.25 14.41 -1.27
N GLY A 145 24.79 13.73 -2.31
CA GLY A 145 24.15 12.43 -2.16
C GLY A 145 25.12 11.39 -1.62
N ARG A 146 26.33 11.30 -2.23
CA ARG A 146 27.36 10.33 -1.78
C ARG A 146 27.80 10.58 -0.33
N ASP A 147 28.04 11.84 0.04
CA ASP A 147 28.48 12.18 1.40
C ASP A 147 27.40 11.82 2.42
N MET A 148 26.11 12.06 2.08
CA MET A 148 25.01 11.71 2.98
C MET A 148 24.97 10.19 3.14
N ALA A 149 25.04 9.44 2.03
CA ALA A 149 25.05 7.96 2.07
C ALA A 149 26.23 7.45 2.95
N ASN A 150 27.42 8.06 2.79
CA ASN A 150 28.60 7.71 3.57
C ASN A 150 28.36 7.99 5.07
N ARG A 151 27.85 9.19 5.40
CA ARG A 151 27.54 9.61 6.76
C ARG A 151 26.53 8.70 7.51
N ILE A 152 25.44 8.27 6.84
CA ILE A 152 24.42 7.45 7.51
C ILE A 152 24.77 5.94 7.55
N GLY A 153 25.92 5.53 7.01
CA GLY A 153 26.34 4.13 7.01
C GLY A 153 25.60 3.31 5.97
N ALA A 154 25.23 3.95 4.85
CA ALA A 154 24.49 3.26 3.79
C ALA A 154 25.41 2.26 3.11
N PHE A 155 24.80 1.15 2.68
CA PHE A 155 25.42 0.10 1.88
C PHE A 155 25.96 0.71 0.58
N GLY A 156 25.22 1.67 0.01
CA GLY A 156 25.65 2.41 -1.17
C GLY A 156 24.75 3.58 -1.53
N TYR A 157 25.16 4.33 -2.59
CA TYR A 157 24.46 5.47 -3.15
C TYR A 157 24.16 5.22 -4.64
N MET A 158 22.91 5.44 -5.01
CA MET A 158 22.46 5.27 -6.41
C MET A 158 21.51 6.39 -6.83
N GLU A 159 21.49 6.71 -8.13
CA GLU A 159 20.57 7.69 -8.68
C GLU A 159 19.71 7.07 -9.77
N CYS A 160 18.49 7.55 -9.92
CA CYS A 160 17.60 7.09 -10.97
C CYS A 160 16.60 8.17 -11.38
N SER A 161 15.85 7.88 -12.45
CA SER A 161 14.80 8.75 -12.97
C SER A 161 13.62 7.83 -13.30
N ALA A 162 12.55 7.84 -12.48
CA ALA A 162 11.36 7.04 -12.81
C ALA A 162 10.74 7.53 -14.16
N LYS A 163 10.82 8.84 -14.44
CA LYS A 163 10.33 9.47 -15.67
C LYS A 163 10.98 8.90 -16.95
N THR A 164 12.31 8.77 -17.00
CA THR A 164 12.99 8.25 -18.19
C THR A 164 13.35 6.76 -18.08
N LYS A 165 13.16 6.14 -16.89
CA LYS A 165 13.52 4.76 -16.56
C LYS A 165 15.04 4.56 -16.35
N ASP A 166 15.88 5.60 -16.60
CA ASP A 166 17.34 5.49 -16.42
C ASP A 166 17.72 5.16 -14.98
N GLY A 167 18.45 4.05 -14.82
CA GLY A 167 18.95 3.64 -13.52
C GLY A 167 18.01 2.82 -12.68
N VAL A 168 16.75 2.69 -13.08
CA VAL A 168 15.75 1.96 -12.30
C VAL A 168 16.08 0.46 -12.17
N ARG A 169 16.33 -0.26 -13.27
CA ARG A 169 16.68 -1.68 -13.22
C ARG A 169 17.90 -1.94 -12.28
N GLU A 170 18.95 -1.10 -12.40
CA GLU A 170 20.18 -1.20 -11.63
C GLU A 170 19.94 -1.05 -10.13
N VAL A 171 19.03 -0.15 -9.71
CA VAL A 171 18.69 0.02 -8.29
C VAL A 171 18.10 -1.29 -7.72
N PHE A 172 17.12 -1.90 -8.42
CA PHE A 172 16.45 -3.13 -7.93
C PHE A 172 17.37 -4.36 -8.01
N GLU A 173 18.26 -4.42 -9.01
CA GLU A 173 19.24 -5.51 -9.08
C GLU A 173 20.24 -5.36 -7.93
N MET A 174 20.65 -4.13 -7.61
CA MET A 174 21.60 -3.93 -6.51
C MET A 174 20.93 -4.21 -5.18
N ALA A 175 19.65 -3.81 -5.02
CA ALA A 175 18.88 -4.09 -3.79
C ALA A 175 18.76 -5.61 -3.55
N THR A 176 18.67 -6.41 -4.63
CA THR A 176 18.56 -7.87 -4.53
C THR A 176 19.89 -8.45 -4.04
N ARG A 177 21.00 -7.95 -4.60
CA ARG A 177 22.34 -8.37 -4.16
C ARG A 177 22.51 -8.01 -2.66
N ALA A 178 22.09 -6.80 -2.25
CA ALA A 178 22.18 -6.37 -0.84
C ALA A 178 21.39 -7.28 0.08
N ALA A 179 20.14 -7.64 -0.32
CA ALA A 179 19.27 -8.55 0.42
C ALA A 179 19.91 -9.96 0.55
N LEU A 180 20.67 -10.41 -0.46
CA LEU A 180 21.33 -11.73 -0.44
C LEU A 180 22.53 -11.80 0.53
N GLN A 181 23.20 -10.67 0.79
CA GLN A 181 24.36 -10.66 1.69
C GLN A 181 23.87 -10.73 3.14
N SER B 1 -13.14 -12.19 -6.18
CA SER B 1 -13.93 -11.25 -6.96
CA SER B 1 -13.96 -11.24 -6.94
C SER B 1 -14.85 -11.94 -7.97
N MET B 2 -15.91 -11.25 -8.41
CA MET B 2 -16.82 -11.79 -9.39
C MET B 2 -16.47 -11.26 -10.78
N GLU B 3 -16.58 -12.12 -11.81
CA GLU B 3 -16.18 -11.81 -13.18
C GLU B 3 -16.72 -10.48 -13.73
N MET B 4 -17.98 -10.17 -13.40
CA MET B 4 -18.61 -8.93 -13.85
CA MET B 4 -18.63 -8.93 -13.84
C MET B 4 -17.81 -7.70 -13.41
N ASP B 5 -17.46 -7.63 -12.11
CA ASP B 5 -16.68 -6.52 -11.56
C ASP B 5 -15.21 -6.54 -12.02
N GLU B 6 -14.60 -7.74 -12.16
CA GLU B 6 -13.22 -7.85 -12.66
C GLU B 6 -13.09 -7.28 -14.07
N LYS B 7 -14.04 -7.57 -14.97
CA LYS B 7 -13.99 -7.07 -16.35
C LYS B 7 -14.24 -5.55 -16.37
N ASP B 8 -15.19 -5.07 -15.56
CA ASP B 8 -15.47 -3.63 -15.45
C ASP B 8 -14.25 -2.87 -14.93
N PHE B 9 -13.40 -3.51 -14.13
CA PHE B 9 -12.19 -2.84 -13.62
C PHE B 9 -10.88 -3.48 -14.14
N ALA B 10 -10.90 -4.09 -15.34
CA ALA B 10 -9.72 -4.72 -15.93
C ALA B 10 -8.73 -3.71 -16.55
N ALA B 11 -9.25 -2.61 -17.14
CA ALA B 11 -8.39 -1.62 -17.77
C ALA B 11 -7.52 -0.86 -16.75
N ASP B 12 -6.37 -0.35 -17.23
CA ASP B 12 -5.44 0.41 -16.39
C ASP B 12 -6.00 1.79 -15.98
N SER B 13 -7.08 2.28 -16.61
CA SER B 13 -7.67 3.58 -16.24
C SER B 13 -9.15 3.69 -16.67
N TRP B 14 -9.86 4.74 -16.22
CA TRP B 14 -11.23 5.01 -16.64
C TRP B 14 -11.20 5.32 -18.17
N SER B 15 -10.20 6.12 -18.63
CA SER B 15 -10.06 6.49 -20.04
CA SER B 15 -10.01 6.49 -20.04
C SER B 15 -9.86 5.30 -20.97
N LEU B 16 -9.36 4.18 -20.45
CA LEU B 16 -9.19 2.97 -21.24
C LEU B 16 -10.39 1.98 -21.03
N ALA B 17 -11.15 2.13 -19.93
CA ALA B 17 -12.29 1.27 -19.64
C ALA B 17 -13.50 1.66 -20.50
N VAL B 18 -13.76 2.96 -20.66
CA VAL B 18 -14.90 3.46 -21.42
C VAL B 18 -14.62 3.35 -22.92
N ASP B 19 -15.69 3.39 -23.76
CA ASP B 19 -15.56 3.40 -25.22
C ASP B 19 -14.86 4.73 -25.63
N SER B 20 -13.98 4.70 -26.67
CA SER B 20 -13.30 5.94 -27.09
C SER B 20 -14.25 7.02 -27.65
N SER B 21 -15.37 6.64 -28.28
CA SER B 21 -16.35 7.66 -28.73
C SER B 21 -17.07 8.33 -27.52
N PHE B 22 -17.09 7.67 -26.35
CA PHE B 22 -17.66 8.25 -25.15
C PHE B 22 -16.59 9.14 -24.50
N LEU B 23 -15.34 8.65 -24.43
CA LEU B 23 -14.21 9.42 -23.87
C LEU B 23 -14.07 10.80 -24.55
N GLN B 24 -14.12 10.82 -25.89
CA GLN B 24 -13.94 12.05 -26.67
C GLN B 24 -14.96 13.14 -26.41
N GLN B 25 -16.13 12.81 -25.86
CA GLN B 25 -17.15 13.80 -25.56
C GLN B 25 -16.91 14.56 -24.24
N HIS B 26 -15.88 14.21 -23.47
CA HIS B 26 -15.65 14.84 -22.16
C HIS B 26 -14.42 15.73 -22.11
N LYS B 27 -14.47 16.73 -21.23
CA LYS B 27 -13.33 17.62 -21.01
C LYS B 27 -12.22 16.83 -20.31
N LYS B 28 -10.97 17.25 -20.53
CA LYS B 28 -9.81 16.58 -19.93
C LYS B 28 -9.88 16.58 -18.41
N GLU B 29 -10.43 17.65 -17.81
CA GLU B 29 -10.55 17.75 -16.35
C GLU B 29 -11.47 16.68 -15.78
N VAL B 30 -12.56 16.34 -16.52
CA VAL B 30 -13.50 15.28 -16.13
C VAL B 30 -12.80 13.92 -16.24
N MET B 31 -12.06 13.69 -17.32
CA MET B 31 -11.32 12.44 -17.48
C MET B 31 -10.30 12.25 -16.35
N LYS B 32 -9.59 13.33 -15.94
CA LYS B 32 -8.62 13.24 -14.85
C LYS B 32 -9.30 12.89 -13.54
N GLN B 33 -10.44 13.50 -13.27
CA GLN B 33 -11.24 13.19 -12.06
C GLN B 33 -11.69 11.71 -12.10
N GLN B 34 -12.30 11.28 -13.22
CA GLN B 34 -12.84 9.92 -13.37
C GLN B 34 -11.75 8.84 -13.27
N ASP B 35 -10.54 9.13 -13.77
CA ASP B 35 -9.40 8.22 -13.69
C ASP B 35 -9.07 7.92 -12.20
N VAL B 36 -9.07 8.95 -11.33
CA VAL B 36 -8.77 8.73 -9.91
C VAL B 36 -9.94 8.03 -9.18
N ILE B 37 -11.19 8.38 -9.53
CA ILE B 37 -12.35 7.71 -8.92
C ILE B 37 -12.31 6.20 -9.27
N TYR B 38 -12.00 5.89 -10.52
CA TYR B 38 -11.87 4.52 -11.02
C TYR B 38 -10.77 3.76 -10.20
N GLU B 39 -9.63 4.42 -9.94
CA GLU B 39 -8.55 3.80 -9.14
C GLU B 39 -9.01 3.50 -7.73
N LEU B 40 -9.77 4.42 -7.10
CA LEU B 40 -10.31 4.22 -5.75
C LEU B 40 -11.17 2.93 -5.72
N ILE B 41 -12.10 2.79 -6.68
CA ILE B 41 -12.98 1.64 -6.74
C ILE B 41 -12.21 0.37 -7.08
N GLN B 42 -11.30 0.42 -8.07
CA GLN B 42 -10.51 -0.74 -8.46
C GLN B 42 -9.68 -1.27 -7.28
N THR B 43 -9.07 -0.36 -6.49
CA THR B 43 -8.26 -0.76 -5.34
C THR B 43 -9.17 -1.26 -4.18
N GLU B 44 -10.42 -0.75 -4.07
CA GLU B 44 -11.35 -1.25 -3.04
C GLU B 44 -11.76 -2.68 -3.40
N LEU B 45 -12.08 -2.92 -4.72
CA LEU B 45 -12.40 -4.27 -5.26
C LEU B 45 -11.24 -5.26 -4.91
N HIS B 46 -9.96 -4.83 -5.11
CA HIS B 46 -8.79 -5.65 -4.80
C HIS B 46 -8.64 -5.89 -3.29
N HIS B 47 -8.94 -4.87 -2.47
CA HIS B 47 -8.88 -4.99 -1.01
C HIS B 47 -9.91 -6.00 -0.48
N VAL B 48 -11.16 -5.96 -1.00
CA VAL B 48 -12.22 -6.90 -0.59
C VAL B 48 -11.79 -8.32 -1.00
N ARG B 49 -11.26 -8.47 -2.20
CA ARG B 49 -10.71 -9.74 -2.66
C ARG B 49 -9.56 -10.29 -1.72
N THR B 50 -8.68 -9.41 -1.22
CA THR B 50 -7.62 -9.81 -0.26
C THR B 50 -8.30 -10.39 1.03
N LEU B 51 -9.35 -9.71 1.54
CA LEU B 51 -10.10 -10.18 2.72
C LEU B 51 -10.79 -11.54 2.47
N LYS B 52 -11.30 -11.80 1.23
CA LYS B 52 -11.94 -13.06 0.84
C LYS B 52 -10.91 -14.19 0.76
N ILE B 53 -9.68 -13.89 0.33
CA ILE B 53 -8.58 -14.86 0.32
C ILE B 53 -8.30 -15.29 1.78
N MET B 54 -8.24 -14.30 2.69
CA MET B 54 -7.98 -14.54 4.10
C MET B 54 -9.09 -15.38 4.76
N THR B 55 -10.37 -15.04 4.53
CA THR B 55 -11.47 -15.78 5.17
C THR B 55 -11.79 -17.13 4.52
N ARG B 56 -11.90 -17.16 3.17
CA ARG B 56 -12.33 -18.37 2.47
C ARG B 56 -11.23 -19.34 2.02
N LEU B 57 -10.02 -18.84 1.70
CA LEU B 57 -8.96 -19.76 1.29
C LEU B 57 -8.12 -20.18 2.51
N PHE B 58 -7.59 -19.20 3.24
CA PHE B 58 -6.74 -19.47 4.40
C PHE B 58 -7.50 -19.90 5.65
N ARG B 59 -8.36 -19.05 6.20
CA ARG B 59 -9.07 -19.32 7.45
C ARG B 59 -9.92 -20.61 7.40
N THR B 60 -10.83 -20.70 6.43
CA THR B 60 -11.73 -21.83 6.31
C THR B 60 -10.95 -23.11 5.95
N GLY B 61 -9.92 -23.00 5.12
CA GLY B 61 -9.09 -24.13 4.76
C GLY B 61 -8.36 -24.69 5.97
N MET B 62 -7.90 -23.82 6.88
CA MET B 62 -7.24 -24.27 8.10
C MET B 62 -8.20 -24.99 9.04
N LEU B 63 -9.43 -24.46 9.20
CA LEU B 63 -10.42 -25.10 10.07
C LEU B 63 -10.88 -26.43 9.52
N GLU B 64 -11.03 -26.53 8.20
CA GLU B 64 -11.52 -27.76 7.58
C GLU B 64 -10.47 -28.86 7.31
N GLU B 65 -9.21 -28.49 7.04
N GLU B 65 -9.33 -28.52 6.71
CA GLU B 65 -8.16 -29.49 6.77
CA GLU B 65 -8.33 -29.52 6.34
C GLU B 65 -7.14 -29.74 7.90
C GLU B 65 -7.36 -29.87 7.45
N LEU B 66 -6.99 -28.80 8.84
N LEU B 66 -7.04 -28.91 8.31
CA LEU B 66 -5.97 -28.95 9.89
CA LEU B 66 -6.10 -29.15 9.41
C LEU B 66 -6.54 -29.23 11.29
C LEU B 66 -6.78 -29.37 10.76
N HIS B 67 -5.69 -29.73 12.19
N HIS B 67 -8.07 -28.95 10.89
CA HIS B 67 -6.04 -30.03 13.57
CA HIS B 67 -8.83 -29.05 12.13
C HIS B 67 -5.28 -29.02 14.44
C HIS B 67 -8.12 -28.33 13.27
N LEU B 68 -5.57 -27.73 14.26
N LEU B 68 -7.55 -27.16 12.96
CA LEU B 68 -4.90 -26.68 15.03
CA LEU B 68 -6.82 -26.35 13.93
C LEU B 68 -5.52 -26.51 16.42
C LEU B 68 -7.75 -25.75 14.98
N GLU B 69 -4.75 -25.98 17.37
N GLU B 69 -7.19 -25.48 16.16
CA GLU B 69 -5.25 -25.70 18.72
CA GLU B 69 -7.94 -24.89 17.27
C GLU B 69 -6.36 -24.64 18.65
C GLU B 69 -8.41 -23.49 16.86
N PRO B 70 -7.38 -24.70 19.53
N PRO B 70 -9.72 -23.17 17.03
CA PRO B 70 -8.45 -23.68 19.47
CA PRO B 70 -10.21 -21.86 16.59
C PRO B 70 -7.90 -22.27 19.75
C PRO B 70 -9.46 -20.66 17.14
N GLY B 71 -8.38 -21.30 18.98
N GLY B 71 -8.85 -20.81 18.30
CA GLY B 71 -7.92 -19.92 19.10
CA GLY B 71 -8.06 -19.75 18.92
C GLY B 71 -6.68 -19.58 18.30
C GLY B 71 -6.76 -19.47 18.18
N VAL B 72 -6.12 -20.57 17.57
N VAL B 72 -6.19 -20.51 17.55
CA VAL B 72 -4.93 -20.34 16.76
CA VAL B 72 -4.96 -20.39 16.77
C VAL B 72 -5.31 -19.62 15.47
C VAL B 72 -5.29 -19.66 15.47
N VAL B 73 -6.37 -20.10 14.78
CA VAL B 73 -6.85 -19.50 13.55
C VAL B 73 -7.26 -18.02 13.79
N GLN B 74 -7.88 -17.71 14.96
CA GLN B 74 -8.27 -16.35 15.31
CA GLN B 74 -8.27 -16.35 15.33
C GLN B 74 -7.04 -15.44 15.47
N GLY B 75 -5.96 -15.97 16.03
CA GLY B 75 -4.72 -15.23 16.19
C GLY B 75 -4.07 -14.93 14.85
N LEU B 76 -4.22 -15.82 13.86
CA LEU B 76 -3.66 -15.64 12.52
C LEU B 76 -4.46 -14.63 11.70
N PHE B 77 -5.80 -14.61 11.86
CA PHE B 77 -6.64 -13.71 11.06
C PHE B 77 -7.55 -12.89 11.96
N PRO B 78 -6.99 -11.96 12.77
CA PRO B 78 -7.85 -11.19 13.68
C PRO B 78 -8.83 -10.29 12.90
N CYS B 79 -10.08 -10.18 13.38
CA CYS B 79 -11.12 -9.27 12.85
C CYS B 79 -11.45 -9.42 11.37
N VAL B 80 -11.06 -10.51 10.68
CA VAL B 80 -11.29 -10.60 9.24
CA VAL B 80 -11.27 -10.57 9.24
C VAL B 80 -12.77 -10.62 8.85
N ASP B 81 -13.67 -11.19 9.71
CA ASP B 81 -15.09 -11.19 9.40
C ASP B 81 -15.65 -9.73 9.47
N GLU B 82 -15.30 -8.98 10.52
CA GLU B 82 -15.73 -7.60 10.70
CA GLU B 82 -15.76 -7.61 10.66
C GLU B 82 -15.19 -6.71 9.55
N LEU B 83 -13.91 -6.88 9.20
CA LEU B 83 -13.25 -6.11 8.14
C LEU B 83 -13.93 -6.40 6.80
N SER B 84 -14.24 -7.68 6.55
CA SER B 84 -14.89 -8.07 5.29
C SER B 84 -16.28 -7.42 5.20
N ASP B 85 -17.03 -7.38 6.31
CA ASP B 85 -18.36 -6.75 6.30
C ASP B 85 -18.26 -5.25 5.99
N ILE B 86 -17.35 -4.53 6.66
CA ILE B 86 -17.17 -3.09 6.46
C ILE B 86 -16.84 -2.78 4.99
N HIS B 87 -15.83 -3.46 4.42
CA HIS B 87 -15.35 -3.15 3.09
C HIS B 87 -16.28 -3.67 1.99
N THR B 88 -16.95 -4.82 2.20
CA THR B 88 -17.90 -5.31 1.20
C THR B 88 -19.11 -4.36 1.11
N ARG B 89 -19.56 -3.80 2.25
CA ARG B 89 -20.66 -2.85 2.23
C ARG B 89 -20.23 -1.57 1.49
N PHE B 90 -19.03 -1.03 1.81
CA PHE B 90 -18.52 0.18 1.17
C PHE B 90 -18.36 -0.04 -0.34
N LEU B 91 -17.82 -1.20 -0.74
CA LEU B 91 -17.62 -1.55 -2.15
C LEU B 91 -19.00 -1.63 -2.85
N SER B 92 -20.01 -2.23 -2.19
CA SER B 92 -21.35 -2.36 -2.75
CA SER B 92 -21.35 -2.36 -2.77
C SER B 92 -21.91 -0.97 -3.12
N GLN B 93 -21.69 0.00 -2.24
CA GLN B 93 -22.14 1.39 -2.44
C GLN B 93 -21.40 2.07 -3.60
N LEU B 94 -20.07 1.85 -3.72
CA LEU B 94 -19.24 2.44 -4.77
C LEU B 94 -19.69 1.85 -6.15
N LEU B 95 -19.89 0.53 -6.20
CA LEU B 95 -20.30 -0.15 -7.43
C LEU B 95 -21.73 0.24 -7.83
N GLU B 96 -22.62 0.50 -6.86
CA GLU B 96 -24.00 0.90 -7.18
C GLU B 96 -24.03 2.33 -7.75
N ARG B 97 -23.18 3.21 -7.24
CA ARG B 97 -23.04 4.59 -7.71
C ARG B 97 -22.56 4.58 -9.19
N ARG B 98 -21.60 3.70 -9.52
CA ARG B 98 -21.11 3.54 -10.90
C ARG B 98 -22.25 3.00 -11.79
N ARG B 99 -22.93 1.94 -11.31
CA ARG B 99 -24.01 1.31 -12.05
CA ARG B 99 -24.01 1.31 -12.06
C ARG B 99 -25.14 2.29 -12.38
N GLN B 100 -25.56 3.09 -11.38
CA GLN B 100 -26.61 4.10 -11.57
C GLN B 100 -26.19 5.13 -12.62
N ALA B 101 -24.88 5.42 -12.75
CA ALA B 101 -24.31 6.41 -13.67
C ALA B 101 -24.12 5.91 -15.10
N LEU B 102 -24.32 4.61 -15.36
CA LEU B 102 -24.14 4.08 -16.72
C LEU B 102 -25.17 4.66 -17.70
N CYS B 103 -24.74 4.86 -18.95
CA CYS B 103 -25.65 5.28 -20.00
C CYS B 103 -26.56 4.11 -20.34
N PRO B 104 -27.83 4.36 -20.67
CA PRO B 104 -28.70 3.25 -21.16
C PRO B 104 -28.06 2.60 -22.40
N GLY B 105 -28.08 1.28 -22.47
CA GLY B 105 -27.50 0.53 -23.57
C GLY B 105 -26.00 0.27 -23.39
N SER B 106 -25.40 0.65 -22.25
CA SER B 106 -23.98 0.42 -22.02
C SER B 106 -23.74 -0.18 -20.67
N THR B 107 -22.75 -1.07 -20.58
CA THR B 107 -22.31 -1.61 -19.30
C THR B 107 -20.91 -1.06 -18.90
N ARG B 108 -20.36 -0.09 -19.65
CA ARG B 108 -19.03 0.43 -19.39
C ARG B 108 -18.93 1.97 -19.35
N ASN B 109 -19.80 2.68 -20.09
CA ASN B 109 -19.76 4.14 -20.16
C ASN B 109 -20.51 4.81 -19.03
N PHE B 110 -19.79 5.60 -18.18
CA PHE B 110 -20.38 6.31 -17.03
C PHE B 110 -19.49 7.48 -16.58
N VAL B 111 -20.09 8.44 -15.84
CA VAL B 111 -19.37 9.52 -15.19
C VAL B 111 -19.96 9.62 -13.78
N ILE B 112 -19.12 9.55 -12.75
CA ILE B 112 -19.56 9.72 -11.38
C ILE B 112 -19.29 11.18 -11.02
N HIS B 113 -20.34 11.97 -10.85
CA HIS B 113 -20.22 13.38 -10.47
C HIS B 113 -20.29 13.59 -8.95
N ARG B 114 -20.93 12.66 -8.23
N ARG B 114 -20.95 12.67 -8.24
CA ARG B 114 -21.13 12.79 -6.80
CA ARG B 114 -21.13 12.78 -6.81
C ARG B 114 -20.51 11.62 -6.14
C ARG B 114 -20.51 11.61 -6.12
N LEU B 115 -19.48 11.87 -5.33
N LEU B 115 -19.47 11.86 -5.34
CA LEU B 115 -18.75 10.86 -4.57
CA LEU B 115 -18.75 10.86 -4.57
C LEU B 115 -18.56 11.32 -3.12
C LEU B 115 -18.56 11.32 -3.12
N GLY B 116 -18.35 12.62 -2.92
CA GLY B 116 -18.16 13.21 -1.60
C GLY B 116 -19.16 12.81 -0.55
N ASP B 117 -20.47 12.84 -0.90
CA ASP B 117 -21.53 12.44 0.02
C ASP B 117 -21.36 10.98 0.50
N LEU B 118 -21.01 10.09 -0.41
CA LEU B 118 -20.80 8.69 -0.09
C LEU B 118 -19.57 8.50 0.85
N LEU B 119 -18.50 9.26 0.59
CA LEU B 119 -17.30 9.20 1.42
C LEU B 119 -17.56 9.79 2.82
N ILE B 120 -18.42 10.83 2.92
CA ILE B 120 -18.77 11.41 4.21
C ILE B 120 -19.54 10.38 5.02
N SER B 121 -20.50 9.68 4.40
CA SER B 121 -21.31 8.67 5.08
CA SER B 121 -21.31 8.68 5.07
C SER B 121 -20.45 7.54 5.62
N GLN B 122 -19.51 7.04 4.79
CA GLN B 122 -18.62 5.96 5.18
C GLN B 122 -17.71 6.36 6.35
N PHE B 123 -17.17 7.59 6.32
CA PHE B 123 -16.20 8.02 7.31
C PHE B 123 -16.77 8.93 8.44
N SER B 124 -18.06 8.76 8.74
CA SER B 124 -18.71 9.47 9.85
C SER B 124 -19.75 8.54 10.52
N GLY B 125 -20.18 8.89 11.73
CA GLY B 125 -21.17 8.12 12.47
C GLY B 125 -20.80 6.69 12.81
N PRO B 126 -21.81 5.83 13.00
CA PRO B 126 -21.53 4.43 13.38
C PRO B 126 -20.56 3.70 12.46
N SER B 127 -20.62 3.89 11.12
CA SER B 127 -19.68 3.17 10.25
C SER B 127 -18.19 3.62 10.49
N ALA B 128 -17.94 4.90 10.82
CA ALA B 128 -16.59 5.36 11.14
C ALA B 128 -16.13 4.75 12.47
N GLU B 129 -17.04 4.69 13.46
CA GLU B 129 -16.78 4.11 14.78
C GLU B 129 -16.37 2.64 14.64
N GLN B 130 -17.11 1.90 13.81
CA GLN B 130 -16.80 0.50 13.59
CA GLN B 130 -16.86 0.50 13.51
C GLN B 130 -15.47 0.32 12.84
N MET B 131 -15.15 1.15 11.81
CA MET B 131 -13.84 1.06 11.14
C MET B 131 -12.71 1.38 12.15
N CYS B 132 -12.86 2.47 12.95
CA CYS B 132 -11.87 2.87 13.95
C CYS B 132 -11.58 1.77 14.98
N LYS B 133 -12.62 1.18 15.56
CA LYS B 133 -12.44 0.12 16.56
C LYS B 133 -11.88 -1.15 15.94
N THR B 134 -12.34 -1.50 14.72
CA THR B 134 -11.82 -2.68 14.05
C THR B 134 -10.33 -2.53 13.64
N TYR B 135 -9.91 -1.39 13.07
CA TYR B 135 -8.51 -1.20 12.66
C TYR B 135 -7.58 -1.01 13.89
N SER B 136 -8.11 -0.45 14.99
CA SER B 136 -7.31 -0.30 16.23
C SER B 136 -7.00 -1.71 16.76
N GLU B 137 -7.99 -2.62 16.71
CA GLU B 137 -7.87 -3.99 17.14
CA GLU B 137 -7.79 -3.98 17.16
C GLU B 137 -6.89 -4.75 16.18
N PHE B 138 -7.22 -4.78 14.84
CA PHE B 138 -6.42 -5.46 13.83
C PHE B 138 -4.92 -5.04 13.86
N CYS B 139 -4.64 -3.72 13.77
CA CYS B 139 -3.25 -3.24 13.75
C CYS B 139 -2.51 -3.52 15.07
N SER B 140 -3.21 -3.61 16.23
CA SER B 140 -2.56 -3.98 17.52
C SER B 140 -2.24 -5.48 17.58
N ARG B 141 -2.91 -6.31 16.75
CA ARG B 141 -2.73 -7.76 16.69
C ARG B 141 -1.88 -8.22 15.48
N HIS B 142 -1.46 -7.30 14.62
CA HIS B 142 -0.69 -7.54 13.40
C HIS B 142 0.65 -8.29 13.64
N SER B 143 1.51 -7.78 14.54
CA SER B 143 2.80 -8.40 14.83
CA SER B 143 2.80 -8.40 14.83
C SER B 143 2.63 -9.83 15.36
N LYS B 144 1.68 -10.02 16.30
CA LYS B 144 1.39 -11.33 16.87
C LYS B 144 0.95 -12.31 15.78
N ALA B 145 0.10 -11.87 14.85
CA ALA B 145 -0.36 -12.72 13.76
C ALA B 145 0.83 -13.23 12.90
N LEU B 146 1.79 -12.34 12.56
CA LEU B 146 3.00 -12.74 11.79
C LEU B 146 3.86 -13.73 12.55
N LYS B 147 4.08 -13.47 13.86
CA LYS B 147 4.90 -14.38 14.68
C LYS B 147 4.23 -15.73 14.87
N LEU B 148 2.89 -15.75 14.97
CA LEU B 148 2.15 -17.00 15.09
C LEU B 148 2.29 -17.81 13.78
N TYR B 149 2.21 -17.13 12.63
CA TYR B 149 2.36 -17.75 11.32
C TYR B 149 3.73 -18.40 11.19
N LYS B 150 4.78 -17.64 11.55
CA LYS B 150 6.14 -18.13 11.43
C LYS B 150 6.38 -19.30 12.37
N GLU B 151 5.79 -19.28 13.58
CA GLU B 151 5.92 -20.37 14.53
CA GLU B 151 5.95 -20.38 14.52
C GLU B 151 5.32 -21.66 13.99
N LEU B 152 4.10 -21.58 13.39
CA LEU B 152 3.40 -22.75 12.84
C LEU B 152 4.08 -23.30 11.58
N TYR B 153 4.61 -22.43 10.74
CA TYR B 153 5.25 -22.86 9.51
C TYR B 153 6.53 -23.64 9.84
N ALA B 154 7.30 -23.19 10.83
CA ALA B 154 8.53 -23.83 11.23
C ALA B 154 8.36 -25.11 12.06
N ARG B 155 7.26 -25.23 12.82
CA ARG B 155 7.08 -26.39 13.68
CA ARG B 155 7.01 -26.36 13.72
C ARG B 155 6.05 -27.41 13.16
N ASP B 156 4.98 -26.98 12.48
CA ASP B 156 3.97 -27.91 11.96
C ASP B 156 4.16 -28.23 10.48
N LYS B 157 4.56 -29.48 10.19
CA LYS B 157 4.79 -29.97 8.82
C LYS B 157 3.52 -29.98 7.99
N ARG B 158 2.38 -30.39 8.59
CA ARG B 158 1.08 -30.41 7.91
C ARG B 158 0.68 -28.97 7.51
N PHE B 159 0.84 -28.00 8.42
CA PHE B 159 0.54 -26.60 8.16
C PHE B 159 1.42 -26.10 6.99
N GLN B 160 2.69 -26.48 6.99
CA GLN B 160 3.66 -26.11 5.95
C GLN B 160 3.17 -26.64 4.60
N GLN B 161 2.74 -27.92 4.51
CA GLN B 161 2.26 -28.50 3.25
C GLN B 161 0.96 -27.83 2.79
N PHE B 162 0.09 -27.47 3.75
CA PHE B 162 -1.15 -26.79 3.45
C PHE B 162 -0.85 -25.42 2.78
N ILE B 163 0.06 -24.63 3.36
CA ILE B 163 0.44 -23.32 2.84
C ILE B 163 1.03 -23.44 1.43
N ARG B 164 1.97 -24.37 1.22
CA ARG B 164 2.59 -24.59 -0.09
C ARG B 164 1.54 -24.93 -1.16
N LYS B 165 0.54 -25.71 -0.77
CA LYS B 165 -0.53 -26.13 -1.66
C LYS B 165 -1.47 -24.96 -2.08
N VAL B 166 -1.98 -24.19 -1.11
CA VAL B 166 -2.98 -23.16 -1.42
C VAL B 166 -2.36 -21.87 -1.96
N THR B 167 -1.06 -21.61 -1.72
CA THR B 167 -0.40 -20.43 -2.28
C THR B 167 0.34 -20.75 -3.61
N ARG B 168 0.29 -22.01 -4.11
CA ARG B 168 1.00 -22.39 -5.34
C ARG B 168 0.48 -21.69 -6.62
N PRO B 169 -0.85 -21.51 -6.82
CA PRO B 169 -1.33 -20.82 -8.05
C PRO B 169 -0.71 -19.44 -8.28
N ALA B 170 -0.44 -19.12 -9.55
CA ALA B 170 0.17 -17.84 -9.90
C ALA B 170 -0.67 -16.65 -9.47
N VAL B 171 -2.03 -16.76 -9.45
CA VAL B 171 -2.85 -15.63 -9.00
C VAL B 171 -2.62 -15.27 -7.55
N LEU B 172 -2.08 -16.18 -6.73
CA LEU B 172 -1.78 -15.91 -5.32
C LEU B 172 -0.32 -15.44 -5.10
N LYS B 173 0.44 -15.11 -6.14
CA LYS B 173 1.85 -14.74 -5.99
C LYS B 173 2.14 -13.65 -4.93
N ARG B 174 1.31 -12.59 -4.87
CA ARG B 174 1.51 -11.54 -3.88
C ARG B 174 0.52 -11.59 -2.72
N HIS B 175 -0.14 -12.74 -2.52
CA HIS B 175 -1.16 -12.87 -1.51
C HIS B 175 -0.95 -14.04 -0.54
N GLY B 176 0.27 -14.25 -0.08
CA GLY B 176 0.51 -15.19 1.02
C GLY B 176 -0.07 -14.60 2.31
N VAL B 177 -0.03 -15.37 3.40
CA VAL B 177 -0.62 -14.95 4.69
C VAL B 177 -0.08 -13.60 5.21
N GLN B 178 1.25 -13.45 5.25
CA GLN B 178 1.88 -12.24 5.76
C GLN B 178 1.61 -11.06 4.85
N GLU B 179 1.64 -11.30 3.53
CA GLU B 179 1.36 -10.28 2.53
C GLU B 179 -0.08 -9.76 2.72
N CYS B 180 -1.08 -10.66 2.91
CA CYS B 180 -2.48 -10.22 3.12
C CYS B 180 -2.60 -9.32 4.36
N ILE B 181 -1.92 -9.70 5.47
CA ILE B 181 -1.96 -8.93 6.70
C ILE B 181 -1.43 -7.49 6.49
N LEU B 182 -0.27 -7.33 5.83
CA LEU B 182 0.29 -6.00 5.59
C LEU B 182 -0.56 -5.22 4.56
N LEU B 183 -1.14 -5.93 3.55
CA LEU B 183 -2.04 -5.28 2.58
C LEU B 183 -3.24 -4.65 3.30
N VAL B 184 -3.77 -5.35 4.32
CA VAL B 184 -4.92 -4.83 5.06
C VAL B 184 -4.53 -3.63 5.91
N THR B 185 -3.42 -3.72 6.67
CA THR B 185 -2.91 -2.65 7.50
C THR B 185 -2.66 -1.37 6.66
N GLN B 186 -2.06 -1.53 5.46
CA GLN B 186 -1.75 -0.39 4.60
C GLN B 186 -2.96 0.24 3.92
N ARG B 187 -4.07 -0.49 3.79
CA ARG B 187 -5.25 0.02 3.09
C ARG B 187 -5.74 1.39 3.59
N ILE B 188 -5.91 1.52 4.91
CA ILE B 188 -6.48 2.74 5.47
C ILE B 188 -5.68 3.99 5.17
N THR B 189 -4.35 3.90 5.09
CA THR B 189 -3.53 5.08 4.78
C THR B 189 -3.49 5.40 3.26
N LYS B 190 -4.09 4.56 2.40
CA LYS B 190 -4.23 4.89 0.98
C LYS B 190 -5.35 5.92 0.76
N TYR B 191 -6.42 5.90 1.59
CA TYR B 191 -7.60 6.75 1.39
C TYR B 191 -7.30 8.27 1.27
N PRO B 192 -6.48 8.91 2.15
CA PRO B 192 -6.22 10.35 1.97
C PRO B 192 -5.49 10.69 0.67
N LEU B 193 -4.63 9.80 0.19
CA LEU B 193 -3.90 10.02 -1.06
CA LEU B 193 -3.90 10.03 -1.06
C LEU B 193 -4.87 10.05 -2.25
N LEU B 194 -5.79 9.05 -2.32
CA LEU B 194 -6.78 8.95 -3.39
C LEU B 194 -7.79 10.10 -3.35
N ILE B 195 -8.34 10.39 -2.16
CA ILE B 195 -9.32 11.46 -1.97
C ILE B 195 -8.69 12.84 -2.27
N SER B 196 -7.41 13.12 -1.85
CA SER B 196 -6.81 14.41 -2.15
CA SER B 196 -6.82 14.42 -2.15
CA SER B 196 -6.79 14.41 -2.14
C SER B 196 -6.64 14.60 -3.66
N ARG B 197 -6.27 13.53 -4.39
CA ARG B 197 -6.11 13.62 -5.84
C ARG B 197 -7.50 13.77 -6.54
N ILE B 198 -8.56 13.12 -6.02
CA ILE B 198 -9.92 13.30 -6.60
C ILE B 198 -10.33 14.79 -6.41
N LEU B 199 -10.10 15.31 -5.20
CA LEU B 199 -10.42 16.69 -4.84
C LEU B 199 -9.72 17.70 -5.77
N GLN B 200 -8.45 17.48 -6.08
CA GLN B 200 -7.68 18.35 -6.96
C GLN B 200 -8.38 18.57 -8.36
N HIS B 201 -9.18 17.57 -8.84
CA HIS B 201 -9.92 17.64 -10.10
C HIS B 201 -11.46 17.74 -9.90
N SER B 202 -11.89 18.19 -8.72
CA SER B 202 -13.33 18.31 -8.44
C SER B 202 -13.74 19.73 -8.06
N HIS B 203 -13.04 20.74 -8.58
CA HIS B 203 -13.36 22.14 -8.25
C HIS B 203 -14.52 22.74 -9.07
N GLY B 204 -14.92 22.07 -10.15
CA GLY B 204 -16.02 22.51 -11.02
C GLY B 204 -17.36 22.73 -10.32
N ILE B 205 -17.73 21.83 -9.38
CA ILE B 205 -18.96 21.98 -8.62
CA ILE B 205 -18.95 21.99 -8.62
C ILE B 205 -18.56 22.27 -7.18
N GLU B 206 -18.95 23.43 -6.66
CA GLU B 206 -18.57 23.83 -5.30
C GLU B 206 -19.08 22.88 -4.22
N GLU B 207 -20.33 22.35 -4.35
CA GLU B 207 -20.88 21.39 -3.39
C GLU B 207 -19.96 20.13 -3.34
N GLU B 208 -19.45 19.69 -4.50
CA GLU B 208 -18.59 18.51 -4.56
C GLU B 208 -17.21 18.78 -3.97
N ARG B 209 -16.63 19.97 -4.22
CA ARG B 209 -15.35 20.35 -3.65
C ARG B 209 -15.47 20.37 -2.11
N GLN B 210 -16.59 20.91 -1.58
CA GLN B 210 -16.85 20.94 -0.13
C GLN B 210 -17.02 19.55 0.46
N ASP B 211 -17.81 18.67 -0.17
CA ASP B 211 -18.00 17.31 0.33
C ASP B 211 -16.70 16.50 0.37
N LEU B 212 -15.86 16.61 -0.67
CA LEU B 212 -14.59 15.91 -0.72
C LEU B 212 -13.60 16.46 0.32
N THR B 213 -13.63 17.80 0.58
CA THR B 213 -12.77 18.40 1.60
C THR B 213 -13.23 17.88 2.98
N THR B 214 -14.55 17.83 3.22
CA THR B 214 -15.09 17.28 4.48
C THR B 214 -14.67 15.81 4.66
N ALA B 215 -14.84 14.98 3.61
CA ALA B 215 -14.46 13.57 3.63
C ALA B 215 -12.98 13.40 3.92
N LEU B 216 -12.10 14.22 3.31
CA LEU B 216 -10.67 14.15 3.57
C LEU B 216 -10.34 14.39 5.04
N GLY B 217 -10.97 15.41 5.64
CA GLY B 217 -10.80 15.73 7.06
C GLY B 217 -11.27 14.61 7.97
N LEU B 218 -12.39 13.94 7.62
CA LEU B 218 -12.93 12.80 8.36
C LEU B 218 -11.99 11.56 8.31
N VAL B 219 -11.43 11.24 7.12
CA VAL B 219 -10.51 10.10 7.00
C VAL B 219 -9.23 10.34 7.83
N LYS B 220 -8.70 11.56 7.80
CA LYS B 220 -7.50 11.90 8.57
C LYS B 220 -7.78 11.81 10.07
N GLU B 221 -8.99 12.23 10.53
CA GLU B 221 -9.38 12.13 11.94
CA GLU B 221 -9.39 12.13 11.94
C GLU B 221 -9.40 10.65 12.35
N LEU B 222 -10.01 9.79 11.51
CA LEU B 222 -10.08 8.34 11.75
C LEU B 222 -8.66 7.74 11.84
N LEU B 223 -7.79 8.06 10.90
CA LEU B 223 -6.41 7.55 10.90
C LEU B 223 -5.63 7.96 12.15
N SER B 224 -5.81 9.21 12.60
CA SER B 224 -5.12 9.69 13.78
CA SER B 224 -5.14 9.71 13.79
C SER B 224 -5.64 8.95 15.02
N ASN B 225 -6.97 8.67 15.09
CA ASN B 225 -7.59 7.94 16.20
C ASN B 225 -7.08 6.49 16.22
N VAL B 226 -7.02 5.84 15.05
CA VAL B 226 -6.49 4.48 14.93
C VAL B 226 -5.02 4.46 15.39
N ASP B 227 -4.22 5.42 14.90
CA ASP B 227 -2.81 5.51 15.24
C ASP B 227 -2.60 5.67 16.75
N GLU B 228 -3.40 6.49 17.41
CA GLU B 228 -3.33 6.71 18.86
C GLU B 228 -3.86 5.55 19.71
N GLY B 229 -4.64 4.65 19.11
CA GLY B 229 -5.24 3.52 19.81
C GLY B 229 -4.49 2.21 19.67
N ILE B 230 -3.34 2.23 19.00
CA ILE B 230 -2.52 1.04 18.79
C ILE B 230 -1.50 0.79 19.90
N TYR B 231 -1.42 -0.47 20.33
CA TYR B 231 -0.41 -0.95 21.25
C TYR B 231 -0.20 -2.40 20.85
N GLN B 232 0.95 -2.73 20.23
CA GLN B 232 1.27 -4.08 19.74
C GLN B 232 1.23 -5.14 20.82
N LEU B 233 0.42 -6.15 20.61
CA LEU B 233 0.32 -7.30 21.49
C LEU B 233 1.48 -8.26 21.20
N GLU B 234 1.96 -8.97 22.21
CA GLU B 234 3.04 -9.94 22.04
C GLU B 234 2.58 -11.24 22.68
N LYS B 235 2.65 -12.38 21.96
CA LYS B 235 2.26 -13.67 22.56
C LYS B 235 3.17 -13.99 23.74
N GLY B 236 2.57 -14.32 24.88
CA GLY B 236 3.30 -14.63 26.09
C GLY B 236 3.93 -13.43 26.76
N ALA B 237 3.42 -12.21 26.49
CA ALA B 237 3.97 -11.02 27.13
C ALA B 237 3.55 -11.02 28.59
N ARG B 238 4.50 -10.70 29.46
CA ARG B 238 4.22 -10.68 30.89
C ARG B 238 3.62 -9.34 31.27
N LEU B 239 2.80 -9.34 32.33
CA LEU B 239 2.16 -8.13 32.83
CA LEU B 239 2.17 -8.12 32.80
C LEU B 239 3.19 -7.03 33.15
N GLN B 240 4.32 -7.42 33.80
CA GLN B 240 5.41 -6.52 34.14
C GLN B 240 5.92 -5.76 32.90
N GLU B 241 6.07 -6.47 31.76
CA GLU B 241 6.54 -5.85 30.51
C GLU B 241 5.52 -4.83 29.99
N ILE B 242 4.23 -5.14 30.15
CA ILE B 242 3.17 -4.23 29.70
C ILE B 242 3.06 -2.97 30.56
N TYR B 243 2.99 -3.09 31.91
CA TYR B 243 2.82 -1.91 32.76
C TYR B 243 4.09 -1.08 32.96
N ASN B 244 5.24 -1.47 32.37
CA ASN B 244 6.46 -0.67 32.50
C ASN B 244 6.65 0.21 31.25
#